data_4UYH
#
_entry.id   4UYH
#
_cell.length_a   114.722
_cell.length_b   55.761
_cell.length_c   67.896
_cell.angle_alpha   90.00
_cell.angle_beta   94.40
_cell.angle_gamma   90.00
#
_symmetry.space_group_name_H-M   'C 1 2 1'
#
loop_
_entity.id
_entity.type
_entity.pdbx_description
1 polymer 'BROMODOMAIN-CONTAINING PROTEIN 2'
2 non-polymer 1-[(2S,4R)-2-methyl-4-(phenylamino)-6-[4-(piperidin-1-ylmethyl)phenyl]-3,4-dihydroquinolin-1(2H)-yl]ethanone
3 non-polymer 'SULFATE ION'
4 non-polymer 'DIMETHYL SULFOXIDE'
5 water water
#
_entity_poly.entity_id   1
_entity_poly.type   'polypeptide(L)'
_entity_poly.pdbx_seq_one_letter_code
;GSSHHHHHHSSGLVPRGSHMSNPKKPGRVTNQLQYLHKVVMKALWKHQFAWPFRQPVDAVKLGLPDYHKIIKQPMDMGTI
KRRLENNYYWAASECMQDFNTMFTNCYIYNKPTDDIVLMAQTLEKIFLQKVASMPQEEQELVVTIPKNSHKKGA
;
_entity_poly.pdbx_strand_id   A,B,C
#
loop_
_chem_comp.id
_chem_comp.type
_chem_comp.name
_chem_comp.formula
9S3 non-polymer 1-[(2S,4R)-2-methyl-4-(phenylamino)-6-[4-(piperidin-1-ylmethyl)phenyl]-3,4-dihydroquinolin-1(2H)-yl]ethanone 'C30 H35 N3 O'
DMS non-polymer 'DIMETHYL SULFOXIDE' 'C2 H6 O S'
SO4 non-polymer 'SULFATE ION' 'O4 S -2'
#
# COMPACT_ATOMS: atom_id res chain seq x y z
N VAL A 29 2.97 -16.46 7.73
CA VAL A 29 3.08 -15.04 8.20
C VAL A 29 4.47 -14.48 7.89
N THR A 30 4.49 -13.23 7.43
CA THR A 30 5.74 -12.48 7.26
C THR A 30 5.52 -11.02 7.70
N ASN A 31 6.62 -10.29 7.82
CA ASN A 31 6.58 -8.85 8.11
C ASN A 31 5.75 -8.08 7.07
N GLN A 32 5.94 -8.43 5.80
CA GLN A 32 5.28 -7.74 4.69
C GLN A 32 3.78 -8.04 4.65
N LEU A 33 3.43 -9.31 4.86
CA LEU A 33 2.02 -9.72 4.85
C LEU A 33 1.22 -9.10 5.98
N GLN A 34 1.84 -8.98 7.16
CA GLN A 34 1.21 -8.29 8.29
C GLN A 34 0.98 -6.82 7.96
N TYR A 35 1.95 -6.20 7.31
CA TYR A 35 1.79 -4.82 6.87
C TYR A 35 0.63 -4.71 5.88
N LEU A 36 0.59 -5.60 4.89
CA LEU A 36 -0.49 -5.60 3.91
C LEU A 36 -1.87 -5.78 4.56
N HIS A 37 -1.93 -6.58 5.62
CA HIS A 37 -3.18 -6.79 6.36
C HIS A 37 -3.52 -5.63 7.26
N LYS A 38 -2.62 -5.27 8.18
CA LYS A 38 -2.91 -4.25 9.19
C LYS A 38 -2.91 -2.80 8.69
N VAL A 39 -2.19 -2.52 7.59
CA VAL A 39 -2.10 -1.15 7.08
C VAL A 39 -2.86 -1.00 5.75
N VAL A 40 -2.52 -1.82 4.75
CA VAL A 40 -3.13 -1.66 3.41
C VAL A 40 -4.61 -2.09 3.39
N MET A 41 -4.91 -3.33 3.74
CA MET A 41 -6.31 -3.80 3.73
C MET A 41 -7.19 -3.04 4.72
N LYS A 42 -6.66 -2.77 5.92
CA LYS A 42 -7.39 -1.97 6.90
C LYS A 42 -7.85 -0.63 6.31
N ALA A 43 -6.94 0.06 5.63
CA ALA A 43 -7.25 1.35 4.99
C ALA A 43 -8.27 1.21 3.86
N LEU A 44 -8.04 0.26 2.96
CA LEU A 44 -8.91 0.12 1.77
C LEU A 44 -10.31 -0.39 2.12
N TRP A 45 -10.39 -1.33 3.07
CA TRP A 45 -11.66 -2.00 3.42
C TRP A 45 -12.70 -1.03 3.93
N LYS A 46 -12.28 -0.07 4.75
CA LYS A 46 -13.20 0.88 5.38
C LYS A 46 -13.44 2.16 4.56
N HIS A 47 -12.80 2.25 3.40
CA HIS A 47 -12.88 3.43 2.56
C HIS A 47 -14.27 3.60 1.99
N GLN A 48 -14.71 4.85 1.85
CA GLN A 48 -16.05 5.13 1.35
C GLN A 48 -16.30 4.68 -0.10
N PHE A 49 -15.24 4.43 -0.87
CA PHE A 49 -15.36 3.93 -2.24
C PHE A 49 -15.14 2.41 -2.31
N ALA A 50 -14.96 1.75 -1.17
CA ALA A 50 -14.64 0.31 -1.18
C ALA A 50 -15.81 -0.60 -1.50
N TRP A 51 -17.04 -0.14 -1.30
CA TRP A 51 -18.21 -1.04 -1.34
C TRP A 51 -18.40 -1.86 -2.63
N PRO A 52 -18.10 -1.29 -3.83
CA PRO A 52 -18.24 -2.15 -5.01
C PRO A 52 -17.24 -3.30 -5.10
N PHE A 53 -16.19 -3.25 -4.28
CA PHE A 53 -15.05 -4.16 -4.37
C PHE A 53 -14.98 -5.14 -3.20
N ARG A 54 -15.93 -5.07 -2.26
CA ARG A 54 -15.85 -5.88 -1.04
C ARG A 54 -16.30 -7.33 -1.22
N GLN A 55 -17.02 -7.61 -2.32
CA GLN A 55 -17.45 -8.97 -2.65
C GLN A 55 -17.16 -9.23 -4.13
N PRO A 56 -17.09 -10.52 -4.53
CA PRO A 56 -16.97 -10.80 -5.96
C PRO A 56 -18.06 -10.13 -6.79
N VAL A 57 -17.70 -9.70 -8.00
CA VAL A 57 -18.66 -9.16 -8.94
C VAL A 57 -19.74 -10.22 -9.19
N ASP A 58 -20.99 -9.84 -8.95
CA ASP A 58 -22.13 -10.72 -9.20
C ASP A 58 -22.76 -10.27 -10.52
N ALA A 59 -22.41 -10.97 -11.59
CA ALA A 59 -22.83 -10.57 -12.95
C ALA A 59 -24.34 -10.64 -13.17
N VAL A 60 -25.02 -11.52 -12.44
CA VAL A 60 -26.49 -11.62 -12.53
C VAL A 60 -27.12 -10.41 -11.85
N LYS A 61 -26.74 -10.18 -10.59
CA LYS A 61 -27.22 -9.03 -9.82
C LYS A 61 -27.00 -7.71 -10.56
N LEU A 62 -25.80 -7.55 -11.15
CA LEU A 62 -25.45 -6.30 -11.81
C LEU A 62 -25.92 -6.21 -13.26
N GLY A 63 -26.41 -7.32 -13.80
CA GLY A 63 -26.90 -7.35 -15.19
C GLY A 63 -25.79 -7.21 -16.21
N LEU A 64 -24.71 -7.96 -15.99
CA LEU A 64 -23.51 -7.88 -16.83
C LEU A 64 -23.17 -9.26 -17.40
N PRO A 65 -23.96 -9.73 -18.39
CA PRO A 65 -23.80 -11.10 -18.87
C PRO A 65 -22.50 -11.37 -19.63
N ASP A 66 -21.78 -10.32 -20.01
CA ASP A 66 -20.48 -10.47 -20.66
C ASP A 66 -19.30 -10.40 -19.68
N TYR A 67 -19.57 -10.11 -18.41
CA TYR A 67 -18.47 -9.85 -17.46
C TYR A 67 -17.41 -10.96 -17.47
N HIS A 68 -17.86 -12.21 -17.34
CA HIS A 68 -16.95 -13.33 -17.19
C HIS A 68 -16.36 -13.79 -18.50
N LYS A 69 -16.91 -13.28 -19.60
CA LYS A 69 -16.32 -13.51 -20.92
C LYS A 69 -15.13 -12.60 -21.16
N ILE A 70 -15.11 -11.44 -20.51
CA ILE A 70 -14.03 -10.45 -20.65
C ILE A 70 -13.01 -10.58 -19.53
N ILE A 71 -13.49 -10.79 -18.31
CA ILE A 71 -12.63 -10.89 -17.13
C ILE A 71 -12.50 -12.35 -16.73
N LYS A 72 -11.31 -12.91 -16.98
CA LYS A 72 -11.07 -14.34 -16.74
C LYS A 72 -10.53 -14.68 -15.37
N GLN A 73 -10.02 -13.68 -14.65
CA GLN A 73 -9.58 -13.88 -13.26
C GLN A 73 -10.23 -12.84 -12.34
N PRO A 74 -11.48 -13.10 -11.92
CA PRO A 74 -12.11 -12.16 -11.00
C PRO A 74 -11.36 -12.06 -9.68
N MET A 75 -11.37 -10.88 -9.07
CA MET A 75 -10.77 -10.69 -7.76
C MET A 75 -11.46 -9.53 -7.05
N ASP A 76 -11.47 -9.60 -5.72
CA ASP A 76 -12.17 -8.63 -4.89
C ASP A 76 -11.52 -8.58 -3.52
N MET A 77 -11.81 -7.54 -2.74
N MET A 77 -11.81 -7.53 -2.75
CA MET A 77 -11.14 -7.34 -1.46
CA MET A 77 -11.19 -7.31 -1.44
C MET A 77 -11.60 -8.32 -0.38
C MET A 77 -11.57 -8.35 -0.42
N GLY A 78 -12.81 -8.84 -0.50
CA GLY A 78 -13.30 -9.86 0.45
C GLY A 78 -12.44 -11.11 0.36
N THR A 79 -12.18 -11.52 -0.88
CA THR A 79 -11.32 -12.67 -1.17
C THR A 79 -9.88 -12.44 -0.67
N ILE A 80 -9.35 -11.25 -0.88
CA ILE A 80 -7.98 -10.93 -0.44
C ILE A 80 -7.91 -10.91 1.08
N LYS A 81 -8.92 -10.31 1.72
CA LYS A 81 -9.02 -10.21 3.17
C LYS A 81 -9.07 -11.60 3.81
N ARG A 82 -9.93 -12.47 3.28
CA ARG A 82 -10.03 -13.85 3.77
C ARG A 82 -8.71 -14.60 3.60
N ARG A 83 -8.05 -14.38 2.48
CA ARG A 83 -6.74 -14.98 2.21
C ARG A 83 -5.68 -14.52 3.22
N LEU A 84 -5.68 -13.23 3.55
CA LEU A 84 -4.77 -12.69 4.57
C LEU A 84 -5.07 -13.27 5.94
N GLU A 85 -6.35 -13.31 6.31
CA GLU A 85 -6.80 -13.87 7.58
C GLU A 85 -6.43 -15.36 7.73
N ASN A 86 -6.52 -16.11 6.63
CA ASN A 86 -6.29 -17.56 6.63
C ASN A 86 -4.86 -17.98 6.25
N ASN A 87 -3.93 -17.03 6.20
CA ASN A 87 -2.53 -17.31 5.84
C ASN A 87 -2.39 -18.07 4.51
N TYR A 88 -3.13 -17.61 3.50
CA TYR A 88 -3.11 -18.20 2.17
C TYR A 88 -1.82 -17.88 1.41
N TYR A 89 -1.37 -16.63 1.54
CA TYR A 89 -0.23 -16.12 0.77
C TYR A 89 1.12 -16.61 1.30
N TRP A 90 2.03 -16.92 0.37
CA TRP A 90 3.40 -17.29 0.70
C TRP A 90 4.35 -16.11 0.62
N ALA A 91 4.04 -15.15 -0.25
CA ALA A 91 4.84 -13.94 -0.40
C ALA A 91 3.94 -12.73 -0.46
N ALA A 92 4.46 -11.58 -0.03
CA ALA A 92 3.74 -10.30 -0.12
C ALA A 92 3.37 -9.95 -1.56
N SER A 93 4.27 -10.24 -2.51
N SER A 93 4.27 -10.25 -2.50
CA SER A 93 4.03 -9.96 -3.92
CA SER A 93 4.03 -9.96 -3.91
C SER A 93 2.77 -10.66 -4.45
C SER A 93 2.77 -10.66 -4.45
N GLU A 94 2.47 -11.85 -3.93
CA GLU A 94 1.26 -12.59 -4.32
C GLU A 94 -0.04 -11.84 -3.97
N CYS A 95 -0.10 -11.33 -2.74
CA CYS A 95 -1.19 -10.47 -2.30
C CYS A 95 -1.26 -9.19 -3.13
N MET A 96 -0.10 -8.58 -3.38
CA MET A 96 -0.03 -7.38 -4.21
C MET A 96 -0.57 -7.63 -5.62
N GLN A 97 -0.28 -8.79 -6.21
CA GLN A 97 -0.83 -9.12 -7.53
C GLN A 97 -2.35 -9.25 -7.50
N ASP A 98 -2.91 -9.78 -6.42
CA ASP A 98 -4.37 -9.89 -6.28
C ASP A 98 -5.03 -8.51 -6.25
N PHE A 99 -4.48 -7.59 -5.45
CA PHE A 99 -4.93 -6.19 -5.47
C PHE A 99 -4.87 -5.62 -6.88
N ASN A 100 -3.71 -5.79 -7.53
CA ASN A 100 -3.53 -5.31 -8.90
C ASN A 100 -4.56 -5.88 -9.88
N THR A 101 -4.79 -7.19 -9.79
CA THR A 101 -5.77 -7.85 -10.64
C THR A 101 -7.17 -7.26 -10.45
N MET A 102 -7.54 -7.02 -9.19
CA MET A 102 -8.85 -6.43 -8.88
C MET A 102 -9.00 -5.08 -9.59
N PHE A 103 -7.99 -4.21 -9.48
CA PHE A 103 -8.11 -2.88 -10.07
C PHE A 103 -8.06 -2.97 -11.59
N THR A 104 -7.14 -3.78 -12.11
CA THR A 104 -6.97 -3.93 -13.54
C THR A 104 -8.24 -4.47 -14.22
N ASN A 105 -8.90 -5.45 -13.60
CA ASN A 105 -10.19 -5.95 -14.11
C ASN A 105 -11.20 -4.82 -14.29
N CYS A 106 -11.26 -3.93 -13.31
CA CYS A 106 -12.18 -2.80 -13.33
C CYS A 106 -11.88 -1.85 -14.51
N TYR A 107 -10.62 -1.51 -14.69
CA TYR A 107 -10.21 -0.65 -15.81
C TYR A 107 -10.48 -1.28 -17.17
N ILE A 108 -10.25 -2.59 -17.29
CA ILE A 108 -10.44 -3.31 -18.56
C ILE A 108 -11.92 -3.45 -18.93
N TYR A 109 -12.75 -3.83 -17.96
CA TYR A 109 -14.16 -4.11 -18.22
C TYR A 109 -15.01 -2.86 -18.45
N ASN A 110 -14.84 -1.87 -17.57
CA ASN A 110 -15.74 -0.71 -17.54
C ASN A 110 -15.44 0.34 -18.59
N LYS A 111 -16.43 1.19 -18.84
CA LYS A 111 -16.27 2.33 -19.74
C LYS A 111 -15.37 3.36 -19.05
N PRO A 112 -14.49 4.02 -19.83
CA PRO A 112 -13.55 5.00 -19.27
C PRO A 112 -14.20 6.05 -18.37
N THR A 113 -15.43 6.44 -18.71
CA THR A 113 -16.13 7.52 -18.01
C THR A 113 -17.03 7.04 -16.85
N ASP A 114 -17.05 5.73 -16.58
CA ASP A 114 -17.84 5.19 -15.49
C ASP A 114 -17.24 5.63 -14.17
N ASP A 115 -18.11 5.97 -13.21
CA ASP A 115 -17.66 6.36 -11.88
C ASP A 115 -16.80 5.30 -11.20
N ILE A 116 -17.07 4.03 -11.44
N ILE A 116 -17.09 4.03 -11.46
CA ILE A 116 -16.32 2.97 -10.75
CA ILE A 116 -16.36 2.92 -10.83
C ILE A 116 -14.83 3.04 -11.08
C ILE A 116 -14.85 3.01 -11.10
N VAL A 117 -14.49 3.50 -12.28
CA VAL A 117 -13.10 3.68 -12.67
C VAL A 117 -12.42 4.72 -11.76
N LEU A 118 -13.12 5.82 -11.48
N LEU A 118 -13.11 5.83 -11.49
CA LEU A 118 -12.61 6.84 -10.58
CA LEU A 118 -12.61 6.84 -10.56
C LEU A 118 -12.45 6.31 -9.15
C LEU A 118 -12.41 6.26 -9.17
N MET A 119 -13.37 5.43 -8.73
CA MET A 119 -13.32 4.83 -7.40
C MET A 119 -12.12 3.89 -7.28
N ALA A 120 -11.94 3.03 -8.28
CA ALA A 120 -10.77 2.16 -8.39
C ALA A 120 -9.47 2.96 -8.34
N GLN A 121 -9.36 4.01 -9.15
CA GLN A 121 -8.15 4.85 -9.18
C GLN A 121 -7.83 5.42 -7.79
N THR A 122 -8.87 5.90 -7.10
CA THR A 122 -8.70 6.46 -5.75
C THR A 122 -8.17 5.43 -4.76
N LEU A 123 -8.73 4.22 -4.76
CA LEU A 123 -8.28 3.15 -3.88
C LEU A 123 -6.86 2.70 -4.23
N GLU A 124 -6.58 2.60 -5.53
CA GLU A 124 -5.27 2.14 -5.98
C GLU A 124 -4.14 3.13 -5.64
N LYS A 125 -4.44 4.42 -5.70
N LYS A 125 -4.45 4.42 -5.71
CA LYS A 125 -3.48 5.44 -5.28
CA LYS A 125 -3.51 5.44 -5.27
C LYS A 125 -3.10 5.25 -3.81
C LYS A 125 -3.10 5.21 -3.83
N ILE A 126 -4.09 4.93 -2.97
CA ILE A 126 -3.82 4.63 -1.56
C ILE A 126 -3.01 3.33 -1.40
N PHE A 127 -3.39 2.32 -2.16
CA PHE A 127 -2.63 1.08 -2.22
C PHE A 127 -1.14 1.36 -2.49
N LEU A 128 -0.86 2.12 -3.55
CA LEU A 128 0.51 2.41 -3.94
C LEU A 128 1.25 3.25 -2.90
N GLN A 129 0.56 4.27 -2.38
CA GLN A 129 1.11 5.10 -1.30
C GLN A 129 1.54 4.26 -0.11
N LYS A 130 0.68 3.34 0.32
CA LYS A 130 0.98 2.52 1.48
C LYS A 130 2.08 1.50 1.15
N VAL A 131 2.04 0.94 -0.06
CA VAL A 131 3.03 -0.06 -0.47
C VAL A 131 4.43 0.54 -0.55
N ALA A 132 4.51 1.84 -0.78
CA ALA A 132 5.79 2.55 -0.81
C ALA A 132 6.55 2.46 0.53
N SER A 133 5.82 2.25 1.62
CA SER A 133 6.40 2.16 2.98
C SER A 133 6.33 0.75 3.59
N MET A 134 6.10 -0.26 2.76
CA MET A 134 6.04 -1.64 3.21
C MET A 134 7.46 -2.15 3.53
N PRO A 135 7.60 -3.01 4.54
CA PRO A 135 8.91 -3.63 4.81
C PRO A 135 9.48 -4.37 3.60
N GLN A 136 10.80 -4.49 3.55
CA GLN A 136 11.44 -5.47 2.67
C GLN A 136 11.48 -6.79 3.44
N GLU A 137 11.68 -7.90 2.74
CA GLU A 137 11.58 -9.23 3.36
C GLU A 137 12.66 -9.49 4.42
N THR B 30 16.65 10.24 -3.40
CA THR B 30 16.55 9.35 -2.22
C THR B 30 17.01 7.94 -2.57
N ASN B 31 17.17 7.11 -1.54
CA ASN B 31 17.51 5.69 -1.73
C ASN B 31 16.43 4.93 -2.52
N GLN B 32 15.17 5.26 -2.27
CA GLN B 32 14.04 4.63 -2.96
C GLN B 32 13.95 5.07 -4.42
N LEU B 33 14.11 6.37 -4.66
CA LEU B 33 14.10 6.90 -6.04
C LEU B 33 15.27 6.35 -6.87
N GLN B 34 16.41 6.16 -6.22
CA GLN B 34 17.57 5.53 -6.86
C GLN B 34 17.26 4.09 -7.28
N TYR B 35 16.58 3.37 -6.39
CA TYR B 35 16.14 2.00 -6.64
C TYR B 35 15.10 1.95 -7.78
N LEU B 36 14.13 2.84 -7.77
CA LEU B 36 13.12 2.91 -8.84
C LEU B 36 13.79 3.19 -10.20
N HIS B 37 14.85 3.99 -10.18
CA HIS B 37 15.60 4.35 -11.38
C HIS B 37 16.47 3.20 -11.85
N LYS B 38 17.38 2.76 -11.00
CA LYS B 38 18.44 1.83 -11.41
C LYS B 38 18.06 0.35 -11.36
N VAL B 39 17.05 0.00 -10.58
CA VAL B 39 16.61 -1.40 -10.46
C VAL B 39 15.28 -1.63 -11.17
N VAL B 40 14.25 -0.87 -10.80
CA VAL B 40 12.91 -1.10 -11.35
C VAL B 40 12.81 -0.66 -12.81
N MET B 41 13.08 0.61 -13.10
CA MET B 41 12.95 1.13 -14.47
C MET B 41 13.91 0.41 -15.42
N LYS B 42 15.13 0.17 -14.96
CA LYS B 42 16.14 -0.54 -15.76
C LYS B 42 15.60 -1.86 -16.31
N ALA B 43 14.98 -2.64 -15.43
CA ALA B 43 14.44 -3.95 -15.79
C ALA B 43 13.24 -3.86 -16.73
N LEU B 44 12.32 -2.95 -16.42
CA LEU B 44 11.14 -2.74 -17.25
C LEU B 44 11.54 -2.23 -18.65
N TRP B 45 12.49 -1.29 -18.68
CA TRP B 45 12.91 -0.65 -19.94
C TRP B 45 13.41 -1.65 -20.96
N LYS B 46 14.20 -2.60 -20.52
CA LYS B 46 14.83 -3.60 -21.41
C LYS B 46 13.92 -4.74 -21.83
N HIS B 47 12.75 -4.82 -21.20
CA HIS B 47 11.83 -5.93 -21.43
C HIS B 47 11.34 -5.96 -22.85
N GLN B 48 11.11 -7.16 -23.38
CA GLN B 48 10.67 -7.34 -24.77
C GLN B 48 9.30 -6.71 -25.08
N PHE B 49 8.51 -6.44 -24.04
CA PHE B 49 7.19 -5.83 -24.21
C PHE B 49 7.20 -4.34 -23.91
N ALA B 50 8.36 -3.75 -23.61
CA ALA B 50 8.43 -2.34 -23.20
C ALA B 50 8.34 -1.31 -24.33
N TRP B 51 8.61 -1.72 -25.57
CA TRP B 51 8.74 -0.76 -26.69
C TRP B 51 7.57 0.19 -26.89
N PRO B 52 6.31 -0.25 -26.66
CA PRO B 52 5.22 0.73 -26.83
C PRO B 52 5.16 1.79 -25.73
N PHE B 53 5.90 1.58 -24.64
CA PHE B 53 5.83 2.41 -23.44
C PHE B 53 7.05 3.31 -23.19
N ARG B 54 8.05 3.27 -24.05
CA ARG B 54 9.30 4.03 -23.84
C ARG B 54 9.24 5.51 -24.21
N GLN B 55 8.15 5.93 -24.83
CA GLN B 55 7.97 7.31 -25.29
C GLN B 55 6.49 7.65 -25.26
N PRO B 56 6.14 8.94 -25.26
CA PRO B 56 4.72 9.30 -25.28
C PRO B 56 3.95 8.67 -26.43
N VAL B 57 2.67 8.38 -26.19
CA VAL B 57 1.77 7.95 -27.25
C VAL B 57 1.65 9.09 -28.26
N ASP B 58 1.91 8.78 -29.52
CA ASP B 58 1.72 9.74 -30.62
C ASP B 58 0.43 9.35 -31.33
N ALA B 59 -0.66 10.03 -30.95
CA ALA B 59 -2.00 9.69 -31.42
C ALA B 59 -2.17 9.99 -32.91
N VAL B 60 -1.46 11.01 -33.39
CA VAL B 60 -1.48 11.35 -34.82
C VAL B 60 -0.82 10.24 -35.63
N LYS B 61 0.39 9.86 -35.23
CA LYS B 61 1.16 8.81 -35.89
C LYS B 61 0.48 7.44 -35.85
N LEU B 62 -0.26 7.17 -34.77
CA LEU B 62 -0.99 5.91 -34.60
C LEU B 62 -2.40 5.95 -35.16
N GLY B 63 -2.84 7.12 -35.61
CA GLY B 63 -4.20 7.29 -36.12
C GLY B 63 -5.24 7.04 -35.04
N LEU B 64 -5.05 7.69 -33.90
CA LEU B 64 -5.95 7.57 -32.76
C LEU B 64 -6.46 8.94 -32.32
N PRO B 65 -7.39 9.53 -33.11
CA PRO B 65 -7.85 10.90 -32.84
C PRO B 65 -8.61 11.06 -31.52
N ASP B 66 -9.10 9.95 -30.98
CA ASP B 66 -9.83 9.98 -29.72
C ASP B 66 -8.95 9.74 -28.49
N TYR B 67 -7.67 9.48 -28.68
CA TYR B 67 -6.80 9.08 -27.55
C TYR B 67 -6.79 10.13 -26.45
N HIS B 68 -6.56 11.38 -26.83
CA HIS B 68 -6.44 12.46 -25.84
C HIS B 68 -7.76 12.95 -25.32
N LYS B 69 -8.84 12.58 -25.99
CA LYS B 69 -10.19 12.83 -25.48
C LYS B 69 -10.56 11.86 -24.36
N ILE B 70 -9.93 10.68 -24.35
CA ILE B 70 -10.18 9.66 -23.34
C ILE B 70 -9.13 9.65 -22.23
N ILE B 71 -7.86 9.76 -22.62
CA ILE B 71 -6.75 9.78 -21.67
C ILE B 71 -6.33 11.21 -21.41
N LYS B 72 -6.62 11.70 -20.21
CA LYS B 72 -6.40 13.11 -19.86
C LYS B 72 -5.04 13.36 -19.22
N GLN B 73 -4.38 12.31 -18.75
CA GLN B 73 -3.06 12.40 -18.14
C GLN B 73 -2.12 11.39 -18.80
N PRO B 74 -1.63 11.71 -20.02
CA PRO B 74 -0.70 10.79 -20.68
C PRO B 74 0.56 10.55 -19.83
N MET B 75 1.06 9.33 -19.84
CA MET B 75 2.30 9.03 -19.15
C MET B 75 3.02 7.88 -19.85
N ASP B 76 4.34 7.90 -19.78
CA ASP B 76 5.19 6.86 -20.40
C ASP B 76 6.50 6.72 -19.63
N MET B 77 7.25 5.65 -19.87
N MET B 77 7.23 5.64 -19.89
CA MET B 77 8.49 5.42 -19.12
CA MET B 77 8.51 5.36 -19.19
C MET B 77 9.60 6.41 -19.46
C MET B 77 9.58 6.42 -19.45
N GLY B 78 9.60 6.95 -20.67
CA GLY B 78 10.59 7.96 -21.06
C GLY B 78 10.45 9.22 -20.22
N THR B 79 9.21 9.67 -20.05
CA THR B 79 8.91 10.81 -19.18
C THR B 79 9.30 10.53 -17.72
N ILE B 80 8.96 9.35 -17.24
CA ILE B 80 9.30 8.95 -15.86
C ILE B 80 10.82 8.89 -15.68
N LYS B 81 11.50 8.32 -16.66
CA LYS B 81 12.97 8.20 -16.63
C LYS B 81 13.62 9.58 -16.60
N ARG B 82 13.16 10.49 -17.46
CA ARG B 82 13.67 11.87 -17.46
C ARG B 82 13.39 12.57 -16.13
N ARG B 83 12.22 12.32 -15.54
CA ARG B 83 11.88 12.90 -14.24
C ARG B 83 12.80 12.41 -13.12
N LEU B 84 13.11 11.12 -13.14
CA LEU B 84 14.10 10.53 -12.23
C LEU B 84 15.49 11.16 -12.41
N GLU B 85 15.91 11.28 -13.66
CA GLU B 85 17.22 11.85 -14.00
C GLU B 85 17.38 13.31 -13.59
N ASN B 86 16.29 14.07 -13.63
CA ASN B 86 16.29 15.50 -13.29
C ASN B 86 15.83 15.82 -11.86
N ASN B 87 15.76 14.79 -11.01
CA ASN B 87 15.37 14.95 -9.60
C ASN B 87 14.02 15.66 -9.42
N TYR B 88 13.08 15.33 -10.30
CA TYR B 88 11.74 15.92 -10.28
C TYR B 88 10.92 15.44 -9.09
N TYR B 89 11.03 14.15 -8.77
CA TYR B 89 10.25 13.56 -7.71
C TYR B 89 10.81 13.91 -6.33
N TRP B 90 9.90 14.12 -5.38
CA TRP B 90 10.27 14.34 -3.98
C TRP B 90 10.17 13.08 -3.17
N ALA B 91 9.37 12.12 -3.63
CA ALA B 91 9.18 10.85 -2.93
C ALA B 91 8.94 9.69 -3.92
N ALA B 92 9.31 8.48 -3.51
CA ALA B 92 9.13 7.28 -4.32
C ALA B 92 7.67 7.08 -4.74
N SER B 93 6.76 7.34 -3.80
N SER B 93 6.76 7.33 -3.81
CA SER B 93 5.33 7.21 -4.05
CA SER B 93 5.32 7.20 -4.06
C SER B 93 4.89 7.98 -5.29
C SER B 93 4.88 7.98 -5.30
N GLU B 94 5.45 9.17 -5.48
CA GLU B 94 5.09 10.02 -6.62
C GLU B 94 5.47 9.37 -7.95
N CYS B 95 6.68 8.83 -8.01
CA CYS B 95 7.16 8.08 -9.16
C CYS B 95 6.31 6.83 -9.43
N MET B 96 6.01 6.07 -8.37
CA MET B 96 5.14 4.90 -8.47
C MET B 96 3.75 5.26 -9.03
N GLN B 97 3.24 6.43 -8.65
CA GLN B 97 1.95 6.87 -9.17
C GLN B 97 2.01 7.12 -10.67
N ASP B 98 3.13 7.63 -11.17
CA ASP B 98 3.27 7.83 -12.63
C ASP B 98 3.33 6.48 -13.37
N PHE B 99 4.05 5.51 -12.83
CA PHE B 99 4.02 4.15 -13.38
C PHE B 99 2.57 3.66 -13.44
N ASN B 100 1.84 3.82 -12.35
CA ASN B 100 0.45 3.39 -12.30
C ASN B 100 -0.43 4.06 -13.36
N THR B 101 -0.29 5.39 -13.50
CA THR B 101 -1.02 6.11 -14.53
C THR B 101 -0.75 5.57 -15.93
N MET B 102 0.52 5.29 -16.21
CA MET B 102 0.88 4.75 -17.51
C MET B 102 0.11 3.45 -17.80
N PHE B 103 0.13 2.52 -16.86
CA PHE B 103 -0.52 1.22 -17.04
C PHE B 103 -2.04 1.37 -17.11
N THR B 104 -2.59 2.16 -16.19
N THR B 104 -2.62 2.15 -16.19
CA THR B 104 -4.04 2.39 -16.12
CA THR B 104 -4.07 2.36 -16.14
C THR B 104 -4.58 3.01 -17.41
C THR B 104 -4.58 2.99 -17.43
N ASN B 105 -3.86 3.98 -17.96
CA ASN B 105 -4.19 4.60 -19.26
C ASN B 105 -4.35 3.54 -20.35
N CYS B 106 -3.42 2.60 -20.37
CA CYS B 106 -3.43 1.52 -21.34
C CYS B 106 -4.70 0.66 -21.21
N TYR B 107 -5.03 0.29 -19.99
CA TYR B 107 -6.23 -0.55 -19.73
C TYR B 107 -7.53 0.18 -20.06
N ILE B 108 -7.59 1.48 -19.75
CA ILE B 108 -8.77 2.27 -19.97
C ILE B 108 -9.00 2.51 -21.47
N TYR B 109 -7.95 2.84 -22.20
CA TYR B 109 -8.10 3.20 -23.63
C TYR B 109 -8.34 2.01 -24.57
N ASN B 110 -7.54 0.96 -24.43
CA ASN B 110 -7.54 -0.13 -25.40
C ASN B 110 -8.66 -1.13 -25.21
N LYS B 111 -8.91 -1.93 -26.25
CA LYS B 111 -9.89 -3.01 -26.17
C LYS B 111 -9.31 -4.11 -25.28
N PRO B 112 -10.16 -4.76 -24.47
CA PRO B 112 -9.71 -5.81 -23.56
C PRO B 112 -8.88 -6.89 -24.25
N THR B 113 -9.20 -7.19 -25.50
CA THR B 113 -8.56 -8.25 -26.26
C THR B 113 -7.29 -7.81 -27.01
N ASP B 114 -6.92 -6.52 -26.91
CA ASP B 114 -5.71 -6.03 -27.58
C ASP B 114 -4.46 -6.58 -26.90
N ASP B 115 -3.46 -6.94 -27.72
CA ASP B 115 -2.16 -7.42 -27.22
C ASP B 115 -1.50 -6.45 -26.26
N ILE B 116 -1.65 -5.15 -26.49
N ILE B 116 -1.66 -5.16 -26.50
CA ILE B 116 -1.00 -4.16 -25.64
CA ILE B 116 -1.03 -4.14 -25.66
C ILE B 116 -1.44 -4.28 -24.18
C ILE B 116 -1.45 -4.26 -24.19
N VAL B 117 -2.68 -4.70 -23.94
CA VAL B 117 -3.17 -4.93 -22.58
C VAL B 117 -2.39 -6.04 -21.86
N LEU B 118 -2.14 -7.14 -22.57
N LEU B 118 -2.14 -7.15 -22.55
CA LEU B 118 -1.34 -8.24 -22.02
CA LEU B 118 -1.33 -8.24 -22.00
C LEU B 118 0.11 -7.81 -21.75
C LEU B 118 0.11 -7.80 -21.73
N MET B 119 0.65 -7.02 -22.66
CA MET B 119 2.01 -6.46 -22.53
C MET B 119 2.10 -5.55 -21.28
N ALA B 120 1.14 -4.65 -21.10
CA ALA B 120 1.07 -3.83 -19.89
C ALA B 120 0.97 -4.69 -18.61
N GLN B 121 0.06 -5.67 -18.61
CA GLN B 121 -0.14 -6.57 -17.46
C GLN B 121 1.16 -7.27 -17.05
N THR B 122 1.91 -7.74 -18.04
CA THR B 122 3.18 -8.39 -17.82
C THR B 122 4.22 -7.45 -17.18
N LEU B 123 4.34 -6.24 -17.72
CA LEU B 123 5.27 -5.24 -17.19
C LEU B 123 4.86 -4.78 -15.78
N GLU B 124 3.56 -4.59 -15.59
CA GLU B 124 3.00 -4.17 -14.31
C GLU B 124 3.28 -5.19 -13.20
N LYS B 125 3.23 -6.48 -13.53
CA LYS B 125 3.55 -7.52 -12.57
C LYS B 125 5.01 -7.47 -12.12
N ILE B 126 5.92 -7.22 -13.07
CA ILE B 126 7.33 -7.02 -12.74
C ILE B 126 7.53 -5.80 -11.85
N PHE B 127 6.88 -4.71 -12.22
CA PHE B 127 6.90 -3.48 -11.43
C PHE B 127 6.56 -3.77 -9.96
N LEU B 128 5.44 -4.45 -9.73
CA LEU B 128 5.01 -4.76 -8.36
C LEU B 128 5.97 -5.69 -7.64
N GLN B 129 6.49 -6.70 -8.35
CA GLN B 129 7.47 -7.62 -7.78
C GLN B 129 8.71 -6.87 -7.28
N LYS B 130 9.23 -5.98 -8.12
CA LYS B 130 10.41 -5.19 -7.76
C LYS B 130 10.13 -4.18 -6.67
N VAL B 131 8.95 -3.56 -6.71
CA VAL B 131 8.53 -2.60 -5.68
C VAL B 131 8.46 -3.26 -4.29
N ALA B 132 8.11 -4.54 -4.25
CA ALA B 132 8.03 -5.29 -2.99
C ALA B 132 9.37 -5.38 -2.25
N SER B 133 10.47 -5.35 -3.02
CA SER B 133 11.82 -5.42 -2.45
C SER B 133 12.51 -4.05 -2.39
N MET B 134 11.75 -2.97 -2.53
CA MET B 134 12.32 -1.62 -2.48
C MET B 134 12.82 -1.32 -1.06
N PRO B 135 14.04 -0.74 -0.94
CA PRO B 135 14.60 -0.38 0.36
C PRO B 135 13.67 0.45 1.23
N GLN B 136 13.62 0.11 2.51
CA GLN B 136 12.75 0.79 3.48
C GLN B 136 13.51 1.14 4.75
N ASN C 31 -2.58 19.62 31.69
CA ASN C 31 -1.54 20.30 30.87
C ASN C 31 -0.51 19.30 30.33
N GLN C 32 0.14 18.56 31.23
CA GLN C 32 1.09 17.52 30.83
C GLN C 32 0.39 16.39 30.06
N LEU C 33 -0.75 15.94 30.56
CA LEU C 33 -1.52 14.88 29.90
C LEU C 33 -2.10 15.34 28.56
N GLN C 34 -2.39 16.66 28.43
CA GLN C 34 -2.89 17.24 27.18
C GLN C 34 -1.79 17.30 26.14
N TYR C 35 -0.63 17.60 26.64
CA TYR C 35 0.55 17.61 25.79
C TYR C 35 0.87 16.20 25.29
N LEU C 36 0.87 15.23 26.21
CA LEU C 36 1.09 13.82 25.84
C LEU C 36 0.07 13.32 24.81
N HIS C 37 -1.16 13.81 24.90
CA HIS C 37 -2.21 13.44 23.97
C HIS C 37 -2.09 14.18 22.66
N LYS C 38 -2.09 15.51 22.76
CA LYS C 38 -2.16 16.38 21.57
C LYS C 38 -0.84 16.61 20.83
N VAL C 39 0.29 16.39 21.51
CA VAL C 39 1.60 16.53 20.86
C VAL C 39 2.29 15.17 20.71
N VAL C 40 2.50 14.46 21.81
CA VAL C 40 3.29 13.21 21.78
C VAL C 40 2.55 12.10 21.02
N MET C 41 1.33 11.75 21.46
CA MET C 41 0.58 10.69 20.79
C MET C 41 0.22 11.06 19.34
N LYS C 42 -0.12 12.32 19.08
CA LYS C 42 -0.42 12.74 17.71
C LYS C 42 0.73 12.43 16.75
N ALA C 43 1.96 12.72 17.18
CA ALA C 43 3.16 12.48 16.38
C ALA C 43 3.48 10.99 16.23
N LEU C 44 3.40 10.23 17.32
CA LEU C 44 3.72 8.80 17.28
C LEU C 44 2.68 7.96 16.51
N TRP C 45 1.40 8.28 16.69
CA TRP C 45 0.30 7.50 16.12
C TRP C 45 0.34 7.44 14.61
N LYS C 46 0.68 8.56 13.98
CA LYS C 46 0.69 8.68 12.51
C LYS C 46 2.06 8.39 11.90
N HIS C 47 3.05 8.10 12.73
CA HIS C 47 4.40 7.79 12.25
C HIS C 47 4.38 6.52 11.45
N GLN C 48 5.25 6.44 10.45
CA GLN C 48 5.29 5.28 9.56
C GLN C 48 5.58 3.96 10.28
N PHE C 49 6.33 4.01 11.38
CA PHE C 49 6.69 2.81 12.14
C PHE C 49 5.69 2.44 13.24
N ALA C 50 4.61 3.21 13.37
CA ALA C 50 3.61 2.98 14.41
C ALA C 50 2.79 1.71 14.25
N TRP C 51 2.59 1.24 13.02
CA TRP C 51 1.57 0.20 12.76
C TRP C 51 1.65 -1.06 13.60
N PRO C 52 2.86 -1.58 13.92
CA PRO C 52 2.88 -2.78 14.75
C PRO C 52 2.44 -2.56 16.20
N PHE C 53 2.36 -1.28 16.61
CA PHE C 53 2.07 -0.91 17.99
C PHE C 53 0.69 -0.28 18.18
N ARG C 54 -0.11 -0.17 17.13
CA ARG C 54 -1.42 0.51 17.22
C ARG C 54 -2.53 -0.31 17.88
N GLN C 55 -2.27 -1.59 18.11
CA GLN C 55 -3.25 -2.50 18.70
C GLN C 55 -2.53 -3.53 19.58
N PRO C 56 -3.24 -4.12 20.56
CA PRO C 56 -2.60 -5.15 21.38
C PRO C 56 -2.05 -6.30 20.53
N VAL C 57 -0.92 -6.85 20.96
CA VAL C 57 -0.36 -8.03 20.31
C VAL C 57 -1.38 -9.17 20.44
N ASP C 58 -1.81 -9.71 19.29
CA ASP C 58 -2.62 -10.93 19.29
C ASP C 58 -1.67 -12.12 19.12
N ALA C 59 -1.34 -12.76 20.24
CA ALA C 59 -0.38 -13.87 20.26
C ALA C 59 -0.86 -15.08 19.45
N VAL C 60 -2.18 -15.28 19.41
CA VAL C 60 -2.76 -16.39 18.65
C VAL C 60 -2.63 -16.14 17.15
N LYS C 61 -3.10 -14.98 16.68
CA LYS C 61 -3.10 -14.64 15.26
C LYS C 61 -1.70 -14.48 14.68
N LEU C 62 -0.78 -13.91 15.45
CA LEU C 62 0.61 -13.70 15.02
C LEU C 62 1.49 -14.95 15.18
N GLY C 63 0.93 -16.00 15.79
CA GLY C 63 1.67 -17.26 15.98
C GLY C 63 2.80 -17.13 16.98
N LEU C 64 2.51 -16.49 18.12
CA LEU C 64 3.50 -16.28 19.18
C LEU C 64 3.01 -16.93 20.47
N PRO C 65 3.05 -18.28 20.54
CA PRO C 65 2.47 -19.00 21.70
C PRO C 65 3.16 -18.72 23.04
N ASP C 66 4.41 -18.26 23.00
CA ASP C 66 5.16 -17.94 24.23
C ASP C 66 5.10 -16.46 24.62
N TYR C 67 4.42 -15.63 23.84
CA TYR C 67 4.43 -14.18 24.08
C TYR C 67 4.01 -13.81 25.50
N HIS C 68 2.89 -14.34 25.96
CA HIS C 68 2.39 -14.00 27.29
C HIS C 68 3.03 -14.77 28.42
N LYS C 69 3.86 -15.76 28.10
CA LYS C 69 4.71 -16.41 29.09
C LYS C 69 5.95 -15.55 29.40
N ILE C 70 6.37 -14.75 28.43
CA ILE C 70 7.57 -13.93 28.54
C ILE C 70 7.20 -12.51 28.98
N ILE C 71 6.20 -11.93 28.34
CA ILE C 71 5.76 -10.56 28.62
C ILE C 71 4.63 -10.54 29.65
N LYS C 72 4.87 -9.90 30.80
CA LYS C 72 3.90 -9.90 31.90
C LYS C 72 2.83 -8.80 31.83
N GLN C 73 3.18 -7.65 31.25
N GLN C 73 3.18 -7.63 31.27
CA GLN C 73 2.25 -6.52 31.10
CA GLN C 73 2.22 -6.54 31.09
C GLN C 73 2.22 -6.01 29.65
C GLN C 73 2.21 -6.03 29.65
N PRO C 74 1.35 -6.60 28.81
CA PRO C 74 1.22 -6.09 27.44
C PRO C 74 0.77 -4.64 27.42
N MET C 75 1.24 -3.88 26.44
CA MET C 75 0.80 -2.51 26.26
C MET C 75 0.95 -2.15 24.79
N ASP C 76 0.13 -1.21 24.35
CA ASP C 76 0.11 -0.76 22.97
C ASP C 76 -0.41 0.68 22.88
N MET C 77 -0.14 1.34 21.76
CA MET C 77 -0.56 2.73 21.58
C MET C 77 -2.07 2.92 21.45
N GLY C 78 -2.78 1.90 20.97
CA GLY C 78 -4.26 1.96 20.88
C GLY C 78 -4.86 2.13 22.25
N THR C 79 -4.38 1.30 23.18
CA THR C 79 -4.76 1.36 24.59
C THR C 79 -4.40 2.70 25.23
N ILE C 80 -3.17 3.18 24.98
CA ILE C 80 -2.72 4.45 25.55
C ILE C 80 -3.57 5.59 25.01
N LYS C 81 -3.80 5.57 23.70
CA LYS C 81 -4.62 6.58 23.02
C LYS C 81 -6.03 6.65 23.61
N ARG C 82 -6.68 5.49 23.75
CA ARG C 82 -8.01 5.41 24.34
C ARG C 82 -8.02 5.95 25.77
N ARG C 83 -7.00 5.59 26.54
CA ARG C 83 -6.86 6.07 27.91
C ARG C 83 -6.74 7.59 28.00
N LEU C 84 -5.98 8.18 27.08
CA LEU C 84 -5.84 9.64 27.02
C LEU C 84 -7.17 10.28 26.65
N GLU C 85 -7.86 9.69 25.67
CA GLU C 85 -9.16 10.19 25.22
C GLU C 85 -10.22 10.16 26.34
N ASN C 86 -10.12 9.17 27.22
CA ASN C 86 -11.14 8.94 28.25
C ASN C 86 -10.72 9.43 29.64
N ASN C 87 -9.64 10.21 29.72
CA ASN C 87 -9.16 10.79 30.98
C ASN C 87 -8.77 9.76 32.04
N TYR C 88 -8.32 8.60 31.58
CA TYR C 88 -7.94 7.49 32.47
C TYR C 88 -6.77 7.82 33.39
N TYR C 89 -5.76 8.51 32.86
CA TYR C 89 -4.52 8.72 33.60
C TYR C 89 -4.61 9.71 34.77
N TRP C 90 -4.11 9.27 35.91
CA TRP C 90 -3.91 10.08 37.11
C TRP C 90 -2.86 11.19 36.93
N ALA C 91 -1.75 10.85 36.26
CA ALA C 91 -0.62 11.77 36.08
C ALA C 91 0.18 11.46 34.81
N ALA C 92 0.97 12.43 34.33
CA ALA C 92 1.74 12.23 33.11
C ALA C 92 2.65 11.00 33.23
N SER C 93 3.24 10.79 34.41
CA SER C 93 4.15 9.66 34.64
C SER C 93 3.54 8.30 34.30
N GLU C 94 2.25 8.10 34.61
CA GLU C 94 1.56 6.84 34.29
C GLU C 94 1.48 6.58 32.78
N CYS C 95 1.20 7.62 32.03
CA CYS C 95 1.16 7.54 30.57
C CYS C 95 2.56 7.24 30.02
N MET C 96 3.54 7.95 30.55
CA MET C 96 4.93 7.73 30.18
C MET C 96 5.37 6.30 30.48
N GLN C 97 4.93 5.76 31.62
CA GLN C 97 5.28 4.38 31.98
C GLN C 97 4.65 3.37 31.01
N ASP C 98 3.44 3.65 30.53
CA ASP C 98 2.80 2.78 29.53
C ASP C 98 3.55 2.77 28.20
N PHE C 99 3.94 3.96 27.71
CA PHE C 99 4.82 4.01 26.54
C PHE C 99 6.08 3.18 26.77
N ASN C 100 6.71 3.36 27.94
CA ASN C 100 7.93 2.63 28.25
C ASN C 100 7.75 1.12 28.25
N THR C 101 6.66 0.66 28.86
CA THR C 101 6.31 -0.77 28.89
C THR C 101 6.14 -1.33 27.47
N MET C 102 5.42 -0.61 26.63
CA MET C 102 5.24 -1.00 25.24
C MET C 102 6.57 -1.25 24.53
N PHE C 103 7.46 -0.25 24.58
CA PHE C 103 8.77 -0.37 23.95
C PHE C 103 9.62 -1.49 24.57
N THR C 104 9.66 -1.53 25.90
CA THR C 104 10.44 -2.54 26.61
C THR C 104 9.99 -3.97 26.27
N ASN C 105 8.68 -4.21 26.18
CA ASN C 105 8.15 -5.53 25.79
C ASN C 105 8.74 -5.99 24.47
N CYS C 106 8.77 -5.06 23.52
CA CYS C 106 9.28 -5.29 22.18
C CYS C 106 10.75 -5.69 22.23
N TYR C 107 11.55 -4.93 22.98
CA TYR C 107 12.99 -5.19 23.10
C TYR C 107 13.26 -6.53 23.77
N ILE C 108 12.46 -6.87 24.78
CA ILE C 108 12.65 -8.11 25.52
C ILE C 108 12.23 -9.33 24.70
N TYR C 109 11.08 -9.26 24.03
CA TYR C 109 10.54 -10.43 23.33
C TYR C 109 11.24 -10.76 22.00
N ASN C 110 11.54 -9.73 21.22
CA ASN C 110 12.01 -9.94 19.86
C ASN C 110 13.50 -10.18 19.75
N LYS C 111 13.92 -10.79 18.65
CA LYS C 111 15.35 -10.96 18.37
C LYS C 111 15.98 -9.60 18.11
N PRO C 112 17.25 -9.40 18.53
CA PRO C 112 17.88 -8.08 18.32
C PRO C 112 17.88 -7.59 16.88
N THR C 113 18.00 -8.51 15.92
CA THR C 113 18.07 -8.17 14.51
C THR C 113 16.72 -7.91 13.83
N ASP C 114 15.61 -8.19 14.53
CA ASP C 114 14.27 -7.97 13.98
C ASP C 114 14.03 -6.50 13.64
N ASP C 115 13.39 -6.26 12.50
CA ASP C 115 13.05 -4.90 12.05
C ASP C 115 12.24 -4.12 13.09
N ILE C 116 11.33 -4.81 13.79
CA ILE C 116 10.47 -4.16 14.79
C ILE C 116 11.27 -3.51 15.93
N VAL C 117 12.45 -4.06 16.22
CA VAL C 117 13.32 -3.49 17.27
C VAL C 117 13.84 -2.12 16.85
N LEU C 118 14.27 -1.98 15.59
CA LEU C 118 14.68 -0.69 15.06
C LEU C 118 13.52 0.29 15.00
N MET C 119 12.34 -0.22 14.64
CA MET C 119 11.13 0.59 14.62
C MET C 119 10.81 1.17 16.01
N ALA C 120 10.86 0.32 17.04
CA ALA C 120 10.64 0.75 18.43
C ALA C 120 11.67 1.80 18.87
N GLN C 121 12.94 1.54 18.58
CA GLN C 121 14.02 2.49 18.88
C GLN C 121 13.75 3.88 18.29
N THR C 122 13.35 3.92 17.03
CA THR C 122 13.04 5.16 16.34
C THR C 122 11.89 5.91 17.01
N LEU C 123 10.80 5.20 17.30
CA LEU C 123 9.64 5.79 17.96
C LEU C 123 9.97 6.24 19.38
N GLU C 124 10.76 5.42 20.10
CA GLU C 124 11.07 5.78 21.49
C GLU C 124 11.95 7.02 21.59
N LYS C 125 12.85 7.22 20.63
CA LYS C 125 13.71 8.41 20.62
C LYS C 125 12.85 9.67 20.40
N ILE C 126 11.85 9.57 19.53
CA ILE C 126 10.89 10.67 19.32
C ILE C 126 10.09 10.93 20.61
N PHE C 127 9.58 9.85 21.21
CA PHE C 127 8.86 9.94 22.49
C PHE C 127 9.67 10.74 23.51
N LEU C 128 10.92 10.36 23.72
CA LEU C 128 11.76 11.01 24.74
C LEU C 128 12.09 12.46 24.41
N GLN C 129 12.31 12.72 23.13
CA GLN C 129 12.55 14.08 22.64
C GLN C 129 11.36 14.98 22.95
N LYS C 130 10.16 14.50 22.70
CA LYS C 130 8.94 15.27 22.97
C LYS C 130 8.69 15.42 24.47
N VAL C 131 8.95 14.37 25.23
CA VAL C 131 8.82 14.41 26.69
C VAL C 131 9.73 15.47 27.33
N ALA C 132 10.93 15.66 26.79
CA ALA C 132 11.85 16.67 27.31
C ALA C 132 11.27 18.08 27.21
N SER C 133 10.42 18.33 26.22
CA SER C 133 9.78 19.63 26.01
C SER C 133 8.37 19.72 26.61
N MET C 134 8.01 18.73 27.43
CA MET C 134 6.68 18.68 28.07
C MET C 134 6.55 19.77 29.13
N PRO C 135 5.34 20.34 29.29
CA PRO C 135 5.13 21.26 30.41
C PRO C 135 5.24 20.57 31.77
O 9S3 D . -16.11 -3.47 -11.91
C17 9S3 D . -16.78 -3.45 -10.89
C18 9S3 D . -16.15 -3.63 -9.53
N2 9S3 D . -18.13 -3.27 -10.97
C2 9S3 D . -18.70 -3.06 -12.33
C1 9S3 D . -19.11 -4.38 -12.98
C16 9S3 D . -19.05 -3.35 -9.87
C11 9S3 D . -19.99 -2.38 -9.86
C4 9S3 D . -20.05 -1.34 -10.95
N1 9S3 D . -21.33 -0.64 -10.91
C5 9S3 D . -21.50 0.53 -10.21
C10 9S3 D . -22.69 1.24 -10.40
C9 9S3 D . -22.91 2.45 -9.74
C8 9S3 D . -21.94 2.95 -8.89
C7 9S3 D . -20.74 2.27 -8.69
C6 9S3 D . -20.52 1.06 -9.36
C3 9S3 D . -19.82 -2.01 -12.30
C15 9S3 D . -18.99 -4.35 -8.90
C14 9S3 D . -19.93 -4.34 -7.87
C13 9S3 D . -20.93 -3.35 -7.84
C12 9S3 D . -20.96 -2.38 -8.85
C19 9S3 D . -21.98 -3.35 -6.77
C30 9S3 D . -21.73 -3.89 -5.51
C29 9S3 D . -22.73 -3.90 -4.53
C22 9S3 D . -23.99 -3.39 -4.85
C21 9S3 D . -24.25 -2.87 -6.11
C20 9S3 D . -23.25 -2.86 -7.07
C23 9S3 D . -25.08 -3.37 -3.80
N3 9S3 D . -25.03 -2.16 -2.99
C28 9S3 D . -25.72 -1.05 -3.64
C27 9S3 D . -25.33 0.20 -2.84
C26 9S3 D . -25.82 0.10 -1.40
C25 9S3 D . -25.35 -1.20 -0.77
C24 9S3 D . -25.59 -2.38 -1.70
O 9S3 E . -1.75 2.23 -25.02
O 9S3 E . -1.73 2.20 -25.03
C17 9S3 E . -0.71 2.25 -25.68
C17 9S3 E . -0.70 2.25 -25.70
C18 9S3 E . 0.65 2.31 -25.05
C18 9S3 E . 0.66 2.38 -25.08
N2 9S3 E . -0.76 2.21 -27.05
N2 9S3 E . -0.76 2.22 -27.05
C2 9S3 E . -2.09 2.15 -27.67
C2 9S3 E . -2.09 2.14 -27.68
C1 9S3 E . -2.49 3.49 -28.28
C1 9S3 E . -2.48 3.47 -28.32
C16 9S3 E . 0.35 2.27 -27.91
C16 9S3 E . 0.34 2.26 -27.92
C11 9S3 E . 0.33 1.34 -28.91
C11 9S3 E . 0.34 1.34 -28.92
C4 9S3 E . -0.80 0.37 -29.05
C4 9S3 E . -0.79 0.35 -29.06
N1 9S3 E . -0.81 -0.18 -30.39
N1 9S3 E . -0.81 -0.20 -30.40
C5 9S3 E . -0.21 -1.36 -30.64
C5 9S3 E . -0.20 -1.38 -30.65
C10 9S3 E . -0.33 -1.97 -31.89
C10 9S3 E . -0.32 -1.97 -31.90
C9 9S3 E . 0.29 -3.19 -32.14
C9 9S3 E . 0.29 -3.19 -32.16
C8 9S3 E . 1.02 -3.82 -31.15
C8 9S3 E . 1.02 -3.82 -31.16
C7 9S3 E . 1.14 -3.23 -29.89
C7 9S3 E . 1.15 -3.24 -29.90
C6 9S3 E . 0.52 -2.00 -29.64
C6 9S3 E . 0.53 -2.02 -29.64
C3 9S3 E . -2.12 1.01 -28.69
C3 9S3 E . -2.12 0.99 -28.70
C15 9S3 E . 1.38 3.19 -27.75
C15 9S3 E . 1.36 3.19 -27.76
C14 9S3 E . 2.43 3.16 -28.65
C14 9S3 E . 2.42 3.16 -28.68
C13 9S3 E . 2.44 2.22 -29.69
C13 9S3 E . 2.44 2.22 -29.70
C12 9S3 E . 1.39 1.31 -29.82
C12 9S3 E . 1.39 1.31 -29.83
C19 9S3 E . 3.58 2.23 -30.65
C19 9S3 E . 3.58 2.27 -30.65
C30 9S3 E . 4.86 2.58 -30.21
C30 9S3 E . 4.84 2.63 -30.17
C29 9S3 E . 5.91 2.62 -31.11
C29 9S3 E . 5.92 2.69 -31.04
C22 9S3 E . 5.69 2.32 -32.45
C22 9S3 E . 5.75 2.39 -32.38
C21 9S3 E . 4.42 1.99 -32.89
C21 9S3 E . 4.49 2.04 -32.87
C20 9S3 E . 3.36 1.95 -31.99
C20 9S3 E . 3.41 1.98 -32.00
C23 9S3 E . 6.86 2.37 -33.42
C23 9S3 E . 6.96 2.49 -33.30
N3 9S3 E . 6.43 2.40 -34.82
N3 9S3 E . 7.86 3.56 -32.91
C28 9S3 E . 6.87 1.21 -35.54
C28 9S3 E . 8.89 3.11 -32.01
C27 9S3 E . 6.11 1.21 -36.86
C27 9S3 E . 9.47 4.39 -31.40
C26 9S3 E . 6.48 2.43 -37.69
C26 9S3 E . 10.04 5.31 -32.47
C25 9S3 E . 6.31 3.70 -36.87
C25 9S3 E . 9.12 5.49 -33.67
C24 9S3 E . 6.92 3.56 -35.48
C24 9S3 E . 8.46 4.17 -34.05
S SO4 F . 13.30 -3.59 -28.73
O1 SO4 F . 13.41 -2.13 -28.73
O2 SO4 F . 14.34 -4.16 -29.60
O3 SO4 F . 11.96 -4.01 -29.25
O4 SO4 F . 13.47 -4.08 -27.35
S DMS G . 5.61 -7.07 18.57
O DMS G . 6.72 -7.25 19.54
C1 DMS G . 4.67 -5.72 19.03
C2 DMS G . 4.48 -8.34 18.79
#